data_7VEP
#
_entry.id   7VEP
#
_cell.length_a   57.236
_cell.length_b   65.645
_cell.length_c   98.204
_cell.angle_alpha   90.000
_cell.angle_beta   90.000
_cell.angle_gamma   90.000
#
_symmetry.space_group_name_H-M   'P 21 21 21'
#
loop_
_entity.id
_entity.type
_entity.pdbx_description
1 polymer 'ESX-5 secretion system protein EccA5'
2 non-polymer 'SULFATE ION'
3 non-polymer GLYCEROL
4 water water
#
_entity_poly.entity_id   1
_entity_poly.type   'polypeptide(L)'
_entity_poly.pdbx_seq_one_letter_code
;GSHMTRPQAAAEDARNAMVAGLLASGISVNGLQPSHNPQVAAQMFTTATRLDPKMCDAWLARLLAGDQSIEVLAGAWAAV
RTFGWETRRLGVTDLQFRPEVSDGLFLRLAITSVDSLACAYAAVLAEAKRYQEAAELLDATDPRHPFDAELVSYVRGVLY
FRTKRWPDVLAQFPEATQWRHPELKAAGAAMATTALASLGVFEEAFRRAQEAIEGDRVPGAANIALYTQGMCLRHVGREE
EAVELLRRVYSRDAKFTPAREALDNPNFRLILTDPETIEAR
;
_entity_poly.pdbx_strand_id   A
#
loop_
_chem_comp.id
_chem_comp.type
_chem_comp.name
_chem_comp.formula
GOL non-polymer GLYCEROL 'C3 H8 O3'
SO4 non-polymer 'SULFATE ION' 'O4 S -2'
#
# COMPACT_ATOMS: atom_id res chain seq x y z
N HIS A 3 39.07 -24.58 -7.78
CA HIS A 3 39.06 -23.74 -6.58
C HIS A 3 38.11 -22.54 -6.73
N MET A 4 36.84 -22.75 -6.39
CA MET A 4 35.81 -21.71 -6.52
C MET A 4 36.13 -20.54 -5.59
N THR A 5 36.11 -19.33 -6.14
CA THR A 5 36.35 -18.16 -5.29
C THR A 5 35.18 -17.93 -4.34
N ARG A 6 35.42 -17.10 -3.34
CA ARG A 6 34.41 -16.87 -2.31
C ARG A 6 33.22 -16.11 -2.90
N PRO A 7 33.46 -15.06 -3.70
CA PRO A 7 32.33 -14.42 -4.40
C PRO A 7 31.50 -15.39 -5.23
N GLN A 8 32.16 -16.27 -5.98
CA GLN A 8 31.43 -17.20 -6.83
C GLN A 8 30.60 -18.18 -6.01
N ALA A 9 31.15 -18.68 -4.90
CA ALA A 9 30.42 -19.57 -4.02
C ALA A 9 29.24 -18.85 -3.36
N ALA A 10 29.46 -17.62 -2.89
CA ALA A 10 28.35 -16.87 -2.32
C ALA A 10 27.24 -16.65 -3.35
N ALA A 11 27.62 -16.28 -4.58
CA ALA A 11 26.62 -15.97 -5.61
C ALA A 11 25.79 -17.20 -5.95
N GLU A 12 26.46 -18.34 -6.13
CA GLU A 12 25.72 -19.55 -6.43
C GLU A 12 24.84 -19.97 -5.25
N ASP A 13 25.37 -19.89 -4.02
CA ASP A 13 24.56 -20.24 -2.86
C ASP A 13 23.34 -19.33 -2.74
N ALA A 14 23.51 -18.02 -3.02
CA ALA A 14 22.40 -17.07 -2.97
C ALA A 14 21.34 -17.40 -4.01
N ARG A 15 21.77 -17.74 -5.23
CA ARG A 15 20.79 -18.13 -6.24
C ARG A 15 20.03 -19.38 -5.81
N ASN A 16 20.72 -20.38 -5.25
CA ASN A 16 20.01 -21.58 -4.79
C ASN A 16 19.07 -21.28 -3.61
N ALA A 17 19.48 -20.42 -2.68
CA ALA A 17 18.57 -20.01 -1.62
C ALA A 17 17.35 -19.29 -2.20
N MET A 18 17.56 -18.47 -3.23
CA MET A 18 16.44 -17.81 -3.89
C MET A 18 15.46 -18.84 -4.44
N VAL A 19 15.98 -19.79 -5.21
CA VAL A 19 15.14 -20.86 -5.74
C VAL A 19 14.38 -21.54 -4.61
N ALA A 20 15.09 -21.89 -3.52
CA ALA A 20 14.44 -22.62 -2.43
C ALA A 20 13.33 -21.78 -1.79
N GLY A 21 13.60 -20.48 -1.55
CA GLY A 21 12.56 -19.60 -1.04
C GLY A 21 11.35 -19.53 -1.96
N LEU A 22 11.57 -19.42 -3.28
CA LEU A 22 10.43 -19.36 -4.20
C LEU A 22 9.61 -20.64 -4.09
N LEU A 23 10.28 -21.80 -4.12
CA LEU A 23 9.58 -23.07 -3.93
C LEU A 23 8.78 -23.08 -2.64
N ALA A 24 9.42 -22.73 -1.52
CA ALA A 24 8.71 -22.64 -0.24
C ALA A 24 7.59 -21.60 -0.26
N SER A 25 7.47 -20.80 -1.33
CA SER A 25 6.40 -19.83 -1.45
C SER A 25 5.29 -20.29 -2.38
N GLY A 26 5.29 -21.56 -2.75
CA GLY A 26 4.31 -22.09 -3.69
C GLY A 26 4.59 -21.76 -5.14
N ILE A 27 5.80 -21.29 -5.46
CA ILE A 27 6.17 -20.92 -6.82
C ILE A 27 7.08 -22.00 -7.40
N SER A 28 6.60 -22.70 -8.41
CA SER A 28 7.42 -23.70 -9.08
C SER A 28 8.50 -23.02 -9.91
N VAL A 29 9.74 -23.49 -9.76
CA VAL A 29 10.89 -23.00 -10.51
C VAL A 29 11.61 -24.19 -11.14
N ASN A 30 12.10 -24.02 -12.37
CA ASN A 30 12.90 -25.04 -13.05
C ASN A 30 12.24 -26.41 -13.01
N GLY A 31 10.91 -26.46 -13.03
CA GLY A 31 10.22 -27.75 -12.98
C GLY A 31 10.37 -28.49 -11.67
N LEU A 32 10.57 -27.78 -10.56
CA LEU A 32 10.60 -28.38 -9.24
C LEU A 32 9.27 -28.12 -8.51
N GLN A 33 8.86 -29.07 -7.67
CA GLN A 33 7.57 -28.96 -6.99
C GLN A 33 7.65 -27.94 -5.85
N PRO A 34 6.70 -27.02 -5.76
CA PRO A 34 6.71 -26.04 -4.67
C PRO A 34 6.08 -26.62 -3.42
N SER A 35 6.31 -25.91 -2.32
CA SER A 35 5.74 -26.26 -1.03
C SER A 35 5.05 -25.02 -0.46
N HIS A 36 4.61 -25.06 0.80
CA HIS A 36 4.04 -23.89 1.47
C HIS A 36 4.66 -23.85 2.85
N ASN A 37 5.81 -23.18 2.95
CA ASN A 37 6.55 -23.07 4.20
C ASN A 37 6.95 -21.61 4.30
N PRO A 38 6.04 -20.77 4.79
CA PRO A 38 6.31 -19.33 4.84
C PRO A 38 7.54 -18.96 5.64
N GLN A 39 7.77 -19.62 6.79
CA GLN A 39 8.93 -19.23 7.59
C GLN A 39 10.23 -19.69 6.93
N VAL A 40 10.23 -20.88 6.34
CA VAL A 40 11.38 -21.31 5.56
C VAL A 40 11.59 -20.37 4.38
N ALA A 41 10.51 -19.96 3.72
CA ALA A 41 10.64 -19.02 2.60
C ALA A 41 11.37 -17.75 3.04
N ALA A 42 10.95 -17.18 4.17
CA ALA A 42 11.57 -15.96 4.66
C ALA A 42 13.04 -16.18 5.03
N GLN A 43 13.35 -17.30 5.69
CA GLN A 43 14.74 -17.62 6.01
C GLN A 43 15.57 -17.77 4.74
N MET A 44 15.02 -18.44 3.73
CA MET A 44 15.78 -18.62 2.50
C MET A 44 16.07 -17.28 1.85
N PHE A 45 15.06 -16.41 1.74
CA PHE A 45 15.27 -15.11 1.13
C PHE A 45 16.22 -14.26 1.97
N THR A 46 16.12 -14.35 3.30
CA THR A 46 17.09 -13.64 4.12
C THR A 46 18.50 -14.17 3.84
N THR A 47 18.66 -15.50 3.76
CA THR A 47 19.96 -16.06 3.39
C THR A 47 20.45 -15.49 2.07
N ALA A 48 19.56 -15.40 1.07
CA ALA A 48 20.01 -14.88 -0.22
C ALA A 48 20.54 -13.46 -0.08
N THR A 49 19.86 -12.60 0.69
CA THR A 49 20.32 -11.21 0.80
C THR A 49 21.59 -11.09 1.62
N ARG A 50 21.82 -12.02 2.56
CA ARG A 50 23.07 -12.04 3.32
C ARG A 50 24.24 -12.47 2.47
N LEU A 51 24.03 -13.44 1.57
CA LEU A 51 25.11 -13.93 0.72
C LEU A 51 25.34 -13.07 -0.52
N ASP A 52 24.31 -12.41 -1.04
CA ASP A 52 24.47 -11.55 -2.22
C ASP A 52 23.59 -10.32 -2.03
N PRO A 53 24.01 -9.40 -1.17
CA PRO A 53 23.17 -8.21 -0.90
C PRO A 53 22.91 -7.38 -2.14
N LYS A 54 23.65 -7.62 -3.23
CA LYS A 54 23.44 -6.91 -4.47
C LYS A 54 22.29 -7.50 -5.32
N MET A 55 21.70 -8.62 -4.90
CA MET A 55 20.57 -9.26 -5.61
C MET A 55 19.26 -8.60 -5.19
N CYS A 56 18.75 -7.69 -6.03
CA CYS A 56 17.59 -6.90 -5.62
C CYS A 56 16.38 -7.79 -5.39
N ASP A 57 16.20 -8.78 -6.26
CA ASP A 57 15.01 -9.63 -6.19
C ASP A 57 14.93 -10.47 -4.91
N ALA A 58 16.06 -10.74 -4.23
CA ALA A 58 16.01 -11.41 -2.94
C ALA A 58 15.42 -10.51 -1.85
N TRP A 59 15.78 -9.23 -1.85
CA TRP A 59 15.10 -8.28 -0.97
C TRP A 59 13.62 -8.21 -1.29
N LEU A 60 13.28 -8.13 -2.58
CA LEU A 60 11.87 -8.10 -2.98
C LEU A 60 11.16 -9.37 -2.52
N ALA A 61 11.85 -10.51 -2.58
CA ALA A 61 11.26 -11.77 -2.13
C ALA A 61 10.96 -11.74 -0.63
N ARG A 62 11.84 -11.10 0.17
CA ARG A 62 11.51 -10.95 1.59
C ARG A 62 10.25 -10.13 1.78
N LEU A 63 9.97 -9.16 0.89
CA LEU A 63 8.70 -8.45 0.95
C LEU A 63 7.55 -9.39 0.67
N LEU A 64 7.69 -10.16 -0.42
CA LEU A 64 6.66 -11.14 -0.76
C LEU A 64 6.36 -12.01 0.45
N ALA A 65 7.41 -12.38 1.18
CA ALA A 65 7.25 -13.29 2.30
C ALA A 65 6.67 -12.61 3.55
N GLY A 66 6.47 -11.29 3.54
CA GLY A 66 5.78 -10.58 4.61
C GLY A 66 6.61 -9.52 5.34
N ASP A 67 7.91 -9.43 5.10
CA ASP A 67 8.78 -8.52 5.85
C ASP A 67 8.91 -7.22 5.06
N GLN A 68 8.12 -6.20 5.44
CA GLN A 68 8.21 -4.89 4.82
C GLN A 68 8.81 -3.84 5.76
N SER A 69 9.72 -4.27 6.63
CA SER A 69 10.48 -3.33 7.44
C SER A 69 11.30 -2.39 6.58
N ILE A 70 11.86 -1.36 7.24
CA ILE A 70 12.65 -0.37 6.52
C ILE A 70 13.99 -0.95 6.08
N GLU A 71 14.55 -1.88 6.85
CA GLU A 71 15.78 -2.53 6.42
C GLU A 71 15.59 -3.24 5.07
N VAL A 72 14.47 -3.93 4.90
CA VAL A 72 14.25 -4.68 3.66
C VAL A 72 14.04 -3.73 2.49
N LEU A 73 13.16 -2.74 2.66
CA LEU A 73 12.96 -1.76 1.59
C LEU A 73 14.26 -1.07 1.23
N ALA A 74 15.06 -0.69 2.24
CA ALA A 74 16.34 -0.03 1.98
C ALA A 74 17.37 -0.97 1.38
N GLY A 75 17.35 -2.25 1.78
CA GLY A 75 18.20 -3.22 1.10
C GLY A 75 17.84 -3.34 -0.38
N ALA A 76 16.55 -3.42 -0.68
CA ALA A 76 16.14 -3.54 -2.08
C ALA A 76 16.57 -2.31 -2.87
N TRP A 77 16.40 -1.11 -2.28
CA TRP A 77 16.71 0.13 -2.98
C TRP A 77 18.21 0.26 -3.24
N ALA A 78 19.05 -0.15 -2.29
CA ALA A 78 20.50 -0.15 -2.52
C ALA A 78 20.90 -1.09 -3.65
N ALA A 79 20.20 -2.21 -3.82
CA ALA A 79 20.51 -3.18 -4.87
C ALA A 79 19.74 -2.93 -6.15
N VAL A 80 19.10 -1.76 -6.29
CA VAL A 80 18.13 -1.56 -7.36
C VAL A 80 18.72 -1.78 -8.75
N ARG A 81 20.05 -1.76 -8.88
CA ARG A 81 20.63 -2.00 -10.20
C ARG A 81 20.21 -3.35 -10.76
N THR A 82 20.09 -4.37 -9.90
CA THR A 82 19.71 -5.71 -10.35
C THR A 82 18.21 -5.96 -10.21
N PHE A 83 17.40 -4.90 -10.14
CA PHE A 83 15.96 -5.05 -10.13
C PHE A 83 15.54 -5.98 -11.25
N GLY A 84 14.96 -7.12 -10.88
CA GLY A 84 14.41 -8.04 -11.85
C GLY A 84 15.38 -9.08 -12.40
N TRP A 85 16.69 -8.96 -12.15
CA TRP A 85 17.63 -9.86 -12.82
C TRP A 85 17.39 -11.32 -12.46
N GLU A 86 17.20 -11.61 -11.17
CA GLU A 86 17.17 -13.02 -10.78
C GLU A 86 15.83 -13.68 -11.13
N THR A 87 14.71 -12.98 -10.97
CA THR A 87 13.43 -13.53 -11.41
C THR A 87 13.41 -13.73 -12.93
N ARG A 88 14.02 -12.80 -13.68
CA ARG A 88 14.10 -12.97 -15.12
C ARG A 88 14.96 -14.17 -15.46
N ARG A 89 16.10 -14.30 -14.78
CA ARG A 89 16.96 -15.48 -14.96
C ARG A 89 16.20 -16.77 -14.76
N LEU A 90 15.25 -16.79 -13.82
CA LEU A 90 14.48 -17.99 -13.49
C LEU A 90 13.19 -18.14 -14.30
N GLY A 91 12.85 -17.15 -15.14
CA GLY A 91 11.58 -17.21 -15.86
C GLY A 91 10.37 -16.90 -15.01
N VAL A 92 10.56 -16.22 -13.89
CA VAL A 92 9.50 -15.91 -12.95
C VAL A 92 8.96 -14.52 -13.28
N THR A 93 7.64 -14.39 -13.42
CA THR A 93 7.03 -13.12 -13.79
C THR A 93 6.07 -12.65 -12.70
N ASP A 94 5.51 -11.46 -12.93
CA ASP A 94 4.43 -10.95 -12.11
C ASP A 94 3.28 -11.94 -11.99
N LEU A 95 3.12 -12.84 -12.96
CA LEU A 95 2.08 -13.86 -12.83
C LEU A 95 2.28 -14.72 -11.60
N GLN A 96 3.54 -15.00 -11.21
CA GLN A 96 3.81 -15.79 -10.01
C GLN A 96 4.34 -14.98 -8.83
N PHE A 97 4.95 -13.82 -9.07
CA PHE A 97 5.79 -13.13 -8.11
C PHE A 97 5.40 -11.65 -8.15
N ARG A 98 4.61 -11.21 -7.19
CA ARG A 98 4.09 -9.83 -7.14
C ARG A 98 4.26 -9.29 -5.73
N PRO A 99 5.46 -8.85 -5.37
CA PRO A 99 5.67 -8.31 -4.03
C PRO A 99 4.90 -7.00 -3.85
N GLU A 100 4.32 -6.81 -2.66
CA GLU A 100 3.58 -5.59 -2.36
C GLU A 100 3.89 -5.12 -0.94
N VAL A 101 3.69 -3.82 -0.70
CA VAL A 101 3.76 -3.28 0.65
C VAL A 101 2.43 -2.61 0.98
N SER A 102 2.00 -2.80 2.22
CA SER A 102 0.85 -2.06 2.71
C SER A 102 1.25 -0.62 3.00
N ASP A 103 0.40 0.33 2.59
CA ASP A 103 0.65 1.73 2.90
C ASP A 103 0.17 2.10 4.31
N GLY A 104 -0.40 1.16 5.06
CA GLY A 104 -0.81 1.42 6.41
C GLY A 104 -2.15 2.10 6.55
N LEU A 105 -2.87 2.32 5.44
CA LEU A 105 -4.14 3.04 5.47
C LEU A 105 -5.22 2.32 4.68
N PHE A 106 -4.97 2.05 3.38
CA PHE A 106 -6.01 1.52 2.50
C PHE A 106 -5.54 0.36 1.64
N LEU A 107 -4.32 0.41 1.10
CA LEU A 107 -3.95 -0.43 -0.02
C LEU A 107 -2.64 -1.15 0.20
N ARG A 108 -2.50 -2.26 -0.52
CA ARG A 108 -1.22 -2.86 -0.81
C ARG A 108 -0.76 -2.37 -2.17
N LEU A 109 0.45 -1.82 -2.23
CA LEU A 109 1.05 -1.28 -3.45
C LEU A 109 1.97 -2.31 -4.08
N ALA A 110 1.74 -2.61 -5.36
CA ALA A 110 2.54 -3.63 -6.03
C ALA A 110 3.85 -3.03 -6.54
N ILE A 111 4.93 -3.77 -6.34
CA ILE A 111 6.25 -3.37 -6.81
C ILE A 111 6.50 -4.08 -8.13
N THR A 112 6.39 -3.33 -9.22
CA THR A 112 6.51 -3.85 -10.57
C THR A 112 7.59 -3.14 -11.36
N SER A 113 8.26 -2.16 -10.78
CA SER A 113 9.22 -1.35 -11.52
C SER A 113 10.10 -0.66 -10.50
N VAL A 114 11.19 -0.07 -10.99
CA VAL A 114 12.04 0.70 -10.10
C VAL A 114 11.24 1.82 -9.45
N ASP A 115 10.43 2.53 -10.25
CA ASP A 115 9.69 3.65 -9.68
C ASP A 115 8.66 3.17 -8.64
N SER A 116 8.03 2.01 -8.85
CA SER A 116 7.07 1.58 -7.83
C SER A 116 7.77 1.05 -6.59
N LEU A 117 9.00 0.55 -6.73
CA LEU A 117 9.76 0.23 -5.52
C LEU A 117 10.04 1.50 -4.72
N ALA A 118 10.43 2.59 -5.39
CA ALA A 118 10.65 3.85 -4.69
C ALA A 118 9.40 4.31 -3.96
N CYS A 119 8.23 4.17 -4.61
CA CYS A 119 6.96 4.55 -4.00
C CYS A 119 6.68 3.73 -2.75
N ALA A 120 6.93 2.43 -2.83
CA ALA A 120 6.67 1.56 -1.69
C ALA A 120 7.58 1.93 -0.52
N TYR A 121 8.86 2.18 -0.82
CA TYR A 121 9.81 2.62 0.20
C TYR A 121 9.35 3.91 0.86
N ALA A 122 8.96 4.90 0.06
CA ALA A 122 8.44 6.15 0.62
C ALA A 122 7.19 5.90 1.47
N ALA A 123 6.32 4.98 1.04
CA ALA A 123 5.16 4.66 1.88
C ALA A 123 5.59 4.11 3.23
N VAL A 124 6.61 3.26 3.24
CA VAL A 124 7.05 2.66 4.50
C VAL A 124 7.74 3.71 5.37
N LEU A 125 8.63 4.52 4.76
CA LEU A 125 9.19 5.68 5.45
C LEU A 125 8.09 6.52 6.11
N ALA A 126 7.04 6.84 5.36
CA ALA A 126 6.00 7.73 5.90
C ALA A 126 5.21 7.06 7.02
N GLU A 127 5.08 5.73 6.96
CA GLU A 127 4.44 5.02 8.05
C GLU A 127 5.27 5.09 9.33
N ALA A 128 6.58 5.24 9.22
CA ALA A 128 7.45 5.46 10.35
C ALA A 128 7.62 6.94 10.70
N LYS A 129 6.81 7.82 10.10
CA LYS A 129 6.86 9.26 10.38
C LYS A 129 8.13 9.93 9.88
N ARG A 130 8.88 9.26 9.00
CA ARG A 130 10.07 9.85 8.36
C ARG A 130 9.68 10.56 7.06
N TYR A 131 8.81 11.57 7.24
CA TYR A 131 8.18 12.23 6.10
C TYR A 131 9.21 12.91 5.20
N GLN A 132 10.23 13.54 5.80
CA GLN A 132 11.26 14.21 5.02
C GLN A 132 11.90 13.25 4.02
N GLU A 133 12.29 12.04 4.47
CA GLU A 133 12.93 11.08 3.58
C GLU A 133 11.94 10.53 2.54
N ALA A 134 10.69 10.28 2.96
CA ALA A 134 9.66 9.89 2.01
C ALA A 134 9.51 10.94 0.90
N ALA A 135 9.37 12.21 1.28
CA ALA A 135 9.15 13.25 0.28
C ALA A 135 10.35 13.40 -0.64
N GLU A 136 11.56 13.33 -0.08
CA GLU A 136 12.76 13.36 -0.91
C GLU A 136 12.77 12.23 -1.92
N LEU A 137 12.37 11.04 -1.48
CA LEU A 137 12.37 9.89 -2.39
C LEU A 137 11.33 10.05 -3.49
N LEU A 138 10.14 10.53 -3.13
CA LEU A 138 9.15 10.82 -4.17
C LEU A 138 9.64 11.95 -5.07
N ASP A 139 10.20 13.01 -4.47
CA ASP A 139 10.68 14.14 -5.28
C ASP A 139 11.67 13.66 -6.33
N ALA A 140 12.60 12.80 -5.94
CA ALA A 140 13.66 12.29 -6.79
C ALA A 140 13.19 11.18 -7.73
N THR A 141 11.88 10.96 -7.88
CA THR A 141 11.42 9.83 -8.68
C THR A 141 10.96 10.24 -10.08
N ASP A 142 9.89 11.04 -10.18
CA ASP A 142 9.49 11.67 -11.42
C ASP A 142 9.47 10.74 -12.65
N PRO A 143 8.60 9.73 -12.65
CA PRO A 143 8.55 8.83 -13.81
C PRO A 143 8.18 9.58 -15.08
N ARG A 144 8.79 9.15 -16.18
CA ARG A 144 8.41 9.69 -17.49
C ARG A 144 7.06 9.11 -17.94
N HIS A 145 6.74 7.90 -17.50
CA HIS A 145 5.48 7.32 -17.93
C HIS A 145 4.39 7.58 -16.88
N PRO A 146 3.20 7.95 -17.36
CA PRO A 146 2.11 8.32 -16.45
C PRO A 146 1.64 7.19 -15.55
N PHE A 147 1.77 5.93 -15.97
CA PHE A 147 1.26 4.83 -15.14
C PHE A 147 1.96 4.81 -13.78
N ASP A 148 3.28 4.81 -13.79
CA ASP A 148 3.99 4.86 -12.52
C ASP A 148 3.85 6.21 -11.81
N ALA A 149 3.70 7.32 -12.56
CA ALA A 149 3.52 8.60 -11.89
C ALA A 149 2.25 8.65 -11.06
N GLU A 150 1.23 7.84 -11.41
CA GLU A 150 0.02 7.76 -10.59
C GLU A 150 0.33 7.24 -9.19
N LEU A 151 1.24 6.28 -9.08
CA LEU A 151 1.63 5.80 -7.77
C LEU A 151 2.38 6.89 -7.00
N VAL A 152 3.20 7.69 -7.70
CA VAL A 152 3.88 8.80 -7.02
C VAL A 152 2.87 9.77 -6.43
N SER A 153 1.90 10.19 -7.26
CA SER A 153 0.83 11.08 -6.80
C SER A 153 0.09 10.48 -5.61
N TYR A 154 -0.24 9.19 -5.69
CA TYR A 154 -0.99 8.58 -4.59
C TYR A 154 -0.17 8.59 -3.30
N VAL A 155 1.10 8.20 -3.36
CA VAL A 155 1.84 8.12 -2.11
C VAL A 155 2.19 9.52 -1.59
N ARG A 156 2.34 10.51 -2.47
CA ARG A 156 2.42 11.88 -1.99
C ARG A 156 1.13 12.28 -1.27
N GLY A 157 -0.03 11.86 -1.79
CA GLY A 157 -1.27 12.09 -1.08
C GLY A 157 -1.32 11.43 0.29
N VAL A 158 -0.84 10.19 0.38
CA VAL A 158 -0.75 9.50 1.67
C VAL A 158 0.13 10.29 2.63
N LEU A 159 1.24 10.81 2.12
CA LEU A 159 2.10 11.66 2.94
C LEU A 159 1.34 12.88 3.43
N TYR A 160 0.64 13.57 2.53
CA TYR A 160 -0.17 14.71 2.95
C TYR A 160 -1.27 14.27 3.93
N PHE A 161 -1.93 13.16 3.65
CA PHE A 161 -2.97 12.68 4.56
C PHE A 161 -2.39 12.42 5.96
N ARG A 162 -1.21 11.81 6.02
CA ARG A 162 -0.62 11.42 7.30
C ARG A 162 -0.21 12.64 8.13
N THR A 163 0.14 13.76 7.48
CA THR A 163 0.46 15.00 8.16
C THR A 163 -0.71 16.00 8.14
N LYS A 164 -1.93 15.52 7.87
CA LYS A 164 -3.17 16.31 8.04
C LYS A 164 -3.16 17.60 7.22
N ARG A 165 -2.49 17.58 6.07
CA ARG A 165 -2.43 18.71 5.15
C ARG A 165 -3.57 18.60 4.14
N TRP A 166 -4.76 19.04 4.56
CA TRP A 166 -5.97 18.71 3.79
C TRP A 166 -6.00 19.35 2.41
N PRO A 167 -5.68 20.63 2.22
CA PRO A 167 -5.63 21.16 0.84
C PRO A 167 -4.68 20.40 -0.06
N ASP A 168 -3.52 19.96 0.47
CA ASP A 168 -2.58 19.18 -0.33
C ASP A 168 -3.16 17.82 -0.69
N VAL A 169 -3.90 17.20 0.24
CA VAL A 169 -4.59 15.96 -0.06
C VAL A 169 -5.53 16.17 -1.24
N LEU A 170 -6.30 17.27 -1.20
CA LEU A 170 -7.24 17.55 -2.27
C LEU A 170 -6.54 17.82 -3.61
N ALA A 171 -5.35 18.43 -3.57
CA ALA A 171 -4.61 18.64 -4.80
C ALA A 171 -4.14 17.31 -5.41
N GLN A 172 -3.89 16.30 -4.59
CA GLN A 172 -3.41 15.02 -5.11
C GLN A 172 -4.53 14.18 -5.72
N PHE A 173 -5.77 14.39 -5.28
CA PHE A 173 -6.89 13.53 -5.63
C PHE A 173 -8.05 14.40 -6.10
N PRO A 174 -7.90 15.04 -7.25
CA PRO A 174 -8.98 15.89 -7.76
C PRO A 174 -10.19 15.05 -8.16
N GLU A 175 -11.35 15.66 -8.01
CA GLU A 175 -12.61 15.02 -8.39
C GLU A 175 -12.62 14.72 -9.89
N ALA A 176 -13.43 13.74 -10.27
CA ALA A 176 -13.76 13.49 -11.67
C ALA A 176 -12.48 13.36 -12.50
N THR A 177 -11.57 12.51 -12.03
CA THR A 177 -10.29 12.29 -12.69
C THR A 177 -10.13 10.81 -12.98
N GLN A 178 -9.74 10.50 -14.20
CA GLN A 178 -9.55 9.10 -14.58
C GLN A 178 -8.18 8.63 -14.10
N TRP A 179 -8.18 7.50 -13.42
CA TRP A 179 -6.94 6.85 -12.99
C TRP A 179 -6.81 5.53 -13.72
N ARG A 180 -5.60 5.20 -14.15
CA ARG A 180 -5.36 3.86 -14.70
C ARG A 180 -5.43 2.79 -13.62
N HIS A 181 -5.03 3.12 -12.38
CA HIS A 181 -5.21 2.25 -11.23
C HIS A 181 -6.55 2.56 -10.57
N PRO A 182 -7.57 1.71 -10.71
CA PRO A 182 -8.83 1.99 -10.01
C PRO A 182 -8.69 2.08 -8.49
N GLU A 183 -7.81 1.28 -7.88
CA GLU A 183 -7.74 1.27 -6.42
C GLU A 183 -7.12 2.57 -5.90
N LEU A 184 -6.14 3.14 -6.62
CA LEU A 184 -5.58 4.41 -6.21
C LEU A 184 -6.66 5.50 -6.21
N LYS A 185 -7.54 5.49 -7.22
CA LYS A 185 -8.60 6.48 -7.26
C LYS A 185 -9.54 6.33 -6.06
N ALA A 186 -9.93 5.08 -5.75
CA ALA A 186 -10.88 4.82 -4.67
C ALA A 186 -10.33 5.26 -3.32
N ALA A 187 -9.10 4.86 -3.03
CA ALA A 187 -8.49 5.26 -1.76
C ALA A 187 -8.23 6.76 -1.74
N GLY A 188 -7.78 7.31 -2.86
CA GLY A 188 -7.62 8.76 -2.95
C GLY A 188 -8.92 9.49 -2.66
N ALA A 189 -10.05 8.95 -3.13
CA ALA A 189 -11.33 9.61 -2.85
C ALA A 189 -11.69 9.55 -1.37
N ALA A 190 -11.39 8.42 -0.71
CA ALA A 190 -11.62 8.33 0.73
C ALA A 190 -10.81 9.38 1.48
N MET A 191 -9.55 9.60 1.07
CA MET A 191 -8.74 10.63 1.71
C MET A 191 -9.28 12.03 1.40
N ALA A 192 -9.69 12.28 0.15
CA ALA A 192 -10.33 13.55 -0.20
C ALA A 192 -11.64 13.75 0.56
N THR A 193 -12.46 12.70 0.68
CA THR A 193 -13.70 12.80 1.46
C THR A 193 -13.39 13.21 2.90
N THR A 194 -12.37 12.59 3.49
CA THR A 194 -11.94 12.92 4.85
C THR A 194 -11.45 14.37 4.94
N ALA A 195 -10.62 14.77 3.97
CA ALA A 195 -10.14 16.15 3.94
C ALA A 195 -11.31 17.13 3.88
N LEU A 196 -12.26 16.89 2.97
CA LEU A 196 -13.39 17.81 2.82
C LEU A 196 -14.22 17.86 4.10
N ALA A 197 -14.54 16.70 4.67
CA ALA A 197 -15.27 16.68 5.94
C ALA A 197 -14.54 17.45 7.02
N SER A 198 -13.19 17.31 7.09
CA SER A 198 -12.43 18.03 8.10
C SER A 198 -12.54 19.53 7.92
N LEU A 199 -12.65 19.98 6.67
CA LEU A 199 -12.81 21.39 6.35
C LEU A 199 -14.24 21.88 6.49
N GLY A 200 -15.20 21.02 6.83
CA GLY A 200 -16.58 21.42 7.03
C GLY A 200 -17.37 21.62 5.76
N VAL A 201 -16.82 21.19 4.62
CA VAL A 201 -17.52 21.29 3.32
C VAL A 201 -18.29 19.98 3.15
N PHE A 202 -19.40 19.88 3.90
CA PHE A 202 -20.04 18.58 4.09
C PHE A 202 -20.67 18.04 2.81
N GLU A 203 -21.31 18.91 2.02
CA GLU A 203 -22.00 18.45 0.82
C GLU A 203 -21.01 17.89 -0.20
N GLU A 204 -19.84 18.54 -0.35
CA GLU A 204 -18.84 18.00 -1.25
C GLU A 204 -18.21 16.75 -0.70
N ALA A 205 -18.01 16.68 0.63
CA ALA A 205 -17.50 15.44 1.22
C ALA A 205 -18.42 14.29 0.87
N PHE A 206 -19.73 14.50 1.08
CA PHE A 206 -20.72 13.47 0.78
C PHE A 206 -20.60 13.02 -0.67
N ARG A 207 -20.51 13.98 -1.60
CA ARG A 207 -20.41 13.61 -3.01
C ARG A 207 -19.11 12.89 -3.30
N ARG A 208 -17.96 13.41 -2.82
CA ARG A 208 -16.70 12.75 -3.17
C ARG A 208 -16.67 11.32 -2.66
N ALA A 209 -17.43 11.03 -1.60
CA ALA A 209 -17.34 9.71 -0.97
C ALA A 209 -17.76 8.62 -1.95
N GLN A 210 -18.65 8.95 -2.88
CA GLN A 210 -19.19 7.94 -3.79
C GLN A 210 -18.10 7.26 -4.61
N GLU A 211 -17.03 8.00 -4.98
CA GLU A 211 -15.92 7.42 -5.74
C GLU A 211 -15.17 6.38 -4.92
N ALA A 212 -15.16 6.52 -3.59
CA ALA A 212 -14.57 5.50 -2.73
C ALA A 212 -15.52 4.33 -2.49
N ILE A 213 -16.80 4.49 -2.79
CA ILE A 213 -17.80 3.46 -2.50
C ILE A 213 -18.09 2.60 -3.72
N GLU A 214 -18.08 3.20 -4.90
CA GLU A 214 -18.57 2.56 -6.11
C GLU A 214 -17.77 1.29 -6.45
N GLY A 215 -18.48 0.18 -6.63
CA GLY A 215 -17.84 -1.07 -6.94
C GLY A 215 -17.21 -1.79 -5.77
N ASP A 216 -17.22 -1.20 -4.57
CA ASP A 216 -16.58 -1.80 -3.40
C ASP A 216 -15.19 -2.31 -3.76
N ARG A 217 -14.50 -1.54 -4.62
CA ARG A 217 -13.18 -1.92 -5.08
C ARG A 217 -12.19 -2.02 -3.94
N VAL A 218 -12.24 -1.09 -3.00
CA VAL A 218 -11.34 -1.06 -1.86
C VAL A 218 -12.21 -0.95 -0.62
N PRO A 219 -12.69 -2.08 -0.08
CA PRO A 219 -13.69 -2.01 1.01
C PRO A 219 -13.31 -1.10 2.15
N GLY A 220 -12.02 -1.00 2.51
CA GLY A 220 -11.63 -0.11 3.61
C GLY A 220 -11.82 1.35 3.26
N ALA A 221 -11.60 1.72 2.00
CA ALA A 221 -11.92 3.07 1.56
C ALA A 221 -13.42 3.32 1.63
N ALA A 222 -14.21 2.34 1.20
CA ALA A 222 -15.66 2.48 1.18
C ALA A 222 -16.21 2.65 2.59
N ASN A 223 -15.65 1.91 3.55
CA ASN A 223 -16.06 2.05 4.94
C ASN A 223 -15.82 3.47 5.43
N ILE A 224 -14.61 4.00 5.23
CA ILE A 224 -14.33 5.36 5.63
C ILE A 224 -15.33 6.31 4.97
N ALA A 225 -15.57 6.13 3.66
CA ALA A 225 -16.48 7.00 2.93
C ALA A 225 -17.92 6.87 3.44
N LEU A 226 -18.38 5.64 3.70
CA LEU A 226 -19.76 5.47 4.18
C LEU A 226 -19.90 6.04 5.58
N TYR A 227 -18.92 5.80 6.44
CA TYR A 227 -18.92 6.43 7.75
C TYR A 227 -19.01 7.95 7.64
N THR A 228 -18.19 8.53 6.76
CA THR A 228 -18.20 9.99 6.63
C THR A 228 -19.54 10.49 6.08
N GLN A 229 -20.15 9.73 5.16
CA GLN A 229 -21.51 10.11 4.73
C GLN A 229 -22.51 10.04 5.89
N GLY A 230 -22.33 9.07 6.80
CA GLY A 230 -23.18 9.03 7.98
C GLY A 230 -23.03 10.27 8.84
N MET A 231 -21.79 10.72 9.04
CA MET A 231 -21.59 11.95 9.78
C MET A 231 -22.23 13.13 9.06
N CYS A 232 -22.10 13.21 7.73
CA CYS A 232 -22.72 14.32 7.02
C CYS A 232 -24.22 14.31 7.24
N LEU A 233 -24.84 13.13 7.11
CA LEU A 233 -26.28 13.01 7.34
C LEU A 233 -26.61 13.41 8.77
N ARG A 234 -25.80 12.95 9.74
CA ARG A 234 -26.03 13.34 11.12
C ARG A 234 -25.97 14.84 11.29
N HIS A 235 -25.01 15.49 10.62
CA HIS A 235 -24.84 16.93 10.73
C HIS A 235 -26.10 17.70 10.29
N VAL A 236 -26.80 17.21 9.26
CA VAL A 236 -27.98 17.92 8.79
C VAL A 236 -29.26 17.38 9.42
N GLY A 237 -29.12 16.55 10.46
CA GLY A 237 -30.27 16.06 11.20
C GLY A 237 -30.96 14.85 10.59
N ARG A 238 -30.40 14.24 9.56
CA ARG A 238 -31.03 13.05 8.95
C ARG A 238 -30.54 11.80 9.67
N GLU A 239 -31.00 11.67 10.93
CA GLU A 239 -30.42 10.68 11.83
C GLU A 239 -30.72 9.25 11.40
N GLU A 240 -31.95 8.97 10.96
CA GLU A 240 -32.26 7.59 10.59
C GLU A 240 -31.37 7.13 9.45
N GLU A 241 -31.17 7.96 8.45
CA GLU A 241 -30.30 7.57 7.35
C GLU A 241 -28.85 7.45 7.81
N ALA A 242 -28.41 8.36 8.69
CA ALA A 242 -27.09 8.22 9.29
C ALA A 242 -26.94 6.85 9.93
N VAL A 243 -27.94 6.42 10.68
CA VAL A 243 -27.85 5.14 11.38
C VAL A 243 -27.72 3.99 10.38
N GLU A 244 -28.47 4.06 9.28
CA GLU A 244 -28.38 3.01 8.26
C GLU A 244 -26.95 2.84 7.77
N LEU A 245 -26.28 3.95 7.42
CA LEU A 245 -24.92 3.83 6.90
C LEU A 245 -23.95 3.36 7.97
N LEU A 246 -24.09 3.86 9.20
CA LEU A 246 -23.20 3.46 10.29
C LEU A 246 -23.36 1.99 10.64
N ARG A 247 -24.60 1.49 10.66
CA ARG A 247 -24.80 0.05 10.85
C ARG A 247 -24.21 -0.74 9.69
N ARG A 248 -24.37 -0.21 8.48
CA ARG A 248 -23.78 -0.85 7.30
C ARG A 248 -22.28 -1.02 7.49
N VAL A 249 -21.60 0.02 7.98
CA VAL A 249 -20.14 -0.06 8.13
C VAL A 249 -19.78 -1.02 9.26
N TYR A 250 -20.46 -0.88 10.43
CA TYR A 250 -20.18 -1.78 11.55
C TYR A 250 -20.41 -3.22 11.15
N SER A 251 -21.44 -3.49 10.35
CA SER A 251 -21.65 -4.85 9.87
C SER A 251 -20.55 -5.27 8.91
N ARG A 252 -20.07 -4.35 8.06
CA ARG A 252 -18.97 -4.68 7.15
C ARG A 252 -17.66 -4.94 7.88
N ASP A 253 -17.45 -4.29 9.02
CA ASP A 253 -16.16 -4.33 9.69
C ASP A 253 -16.42 -4.07 11.18
N ALA A 254 -16.58 -5.15 11.94
CA ALA A 254 -16.91 -5.03 13.35
C ALA A 254 -15.80 -4.37 14.17
N LYS A 255 -14.59 -4.28 13.62
CA LYS A 255 -13.49 -3.58 14.28
C LYS A 255 -13.47 -2.10 13.97
N PHE A 256 -14.42 -1.60 13.18
CA PHE A 256 -14.51 -0.18 12.85
C PHE A 256 -15.16 0.56 14.02
N THR A 257 -14.40 0.64 15.12
CA THR A 257 -14.94 1.14 16.38
C THR A 257 -15.67 2.47 16.27
N PRO A 258 -15.22 3.46 15.47
CA PRO A 258 -15.95 4.75 15.43
C PRO A 258 -17.40 4.60 15.01
N ALA A 259 -17.71 3.64 14.12
CA ALA A 259 -19.10 3.40 13.74
C ALA A 259 -19.93 2.92 14.93
N ARG A 260 -19.39 2.01 15.74
CA ARG A 260 -20.09 1.60 16.96
C ARG A 260 -20.26 2.77 17.92
N GLU A 261 -19.20 3.58 18.10
CA GLU A 261 -19.29 4.74 18.98
C GLU A 261 -20.39 5.68 18.53
N ALA A 262 -20.44 5.95 17.21
CA ALA A 262 -21.45 6.85 16.68
C ALA A 262 -22.85 6.27 16.80
N LEU A 263 -23.00 4.96 16.66
CA LEU A 263 -24.29 4.33 16.90
C LEU A 263 -24.66 4.41 18.38
N ASP A 264 -23.68 4.25 19.28
CA ASP A 264 -24.00 4.30 20.70
C ASP A 264 -24.31 5.72 21.15
N ASN A 265 -23.78 6.73 20.48
CA ASN A 265 -23.92 8.12 20.93
C ASN A 265 -24.34 9.03 19.79
N PRO A 266 -25.63 9.40 19.70
CA PRO A 266 -26.07 10.26 18.58
C PRO A 266 -25.41 11.63 18.54
N ASN A 267 -24.67 12.01 19.59
CA ASN A 267 -23.91 13.26 19.64
C ASN A 267 -22.49 13.11 19.15
N PHE A 268 -21.98 11.87 19.12
CA PHE A 268 -20.66 11.60 18.56
C PHE A 268 -20.58 12.10 17.13
N ARG A 269 -19.50 12.82 16.80
CA ARG A 269 -19.41 13.49 15.51
C ARG A 269 -17.95 13.63 15.05
N LEU A 270 -17.22 12.51 14.96
CA LEU A 270 -15.78 12.54 14.74
C LEU A 270 -15.43 12.21 13.30
N ILE A 271 -14.67 13.09 12.65
CA ILE A 271 -14.06 12.78 11.37
C ILE A 271 -12.77 12.00 11.63
N LEU A 272 -12.64 10.84 10.98
CA LEU A 272 -11.54 9.92 11.28
C LEU A 272 -10.28 10.37 10.55
N THR A 273 -9.36 10.99 11.29
CA THR A 273 -8.08 11.41 10.73
C THR A 273 -6.92 10.48 11.10
N ASP A 274 -7.09 9.61 12.13
CA ASP A 274 -5.98 8.80 12.61
C ASP A 274 -5.89 7.49 11.83
N PRO A 275 -4.70 7.15 11.32
CA PRO A 275 -4.52 5.85 10.64
C PRO A 275 -5.04 4.67 11.45
N GLU A 276 -4.44 4.42 12.61
CA GLU A 276 -4.89 3.40 13.55
C GLU A 276 -5.25 2.08 12.86
S SO4 B . 7.02 -23.03 7.97
O1 SO4 B . 8.14 -22.88 7.03
O2 SO4 B . 6.14 -21.85 7.94
O3 SO4 B . 7.53 -23.18 9.34
O4 SO4 B . 6.26 -24.23 7.59
S SO4 C . 38.70 -14.92 -2.60
O1 SO4 C . 40.15 -14.75 -2.47
O2 SO4 C . 38.13 -13.75 -3.27
O3 SO4 C . 38.41 -16.14 -3.36
O4 SO4 C . 38.16 -15.04 -1.24
S SO4 D . 43.20 -28.91 -3.14
O1 SO4 D . 42.49 -28.16 -2.08
O2 SO4 D . 43.41 -28.04 -4.30
O3 SO4 D . 44.46 -29.45 -2.63
O4 SO4 D . 42.40 -30.05 -3.58
C1 GOL E . 2.56 4.87 -18.80
O1 GOL E . 1.58 3.95 -18.94
C2 GOL E . 2.87 4.83 -20.16
O2 GOL E . 3.02 3.51 -20.41
C3 GOL E . 1.74 5.49 -20.89
O3 GOL E . 2.49 6.28 -21.85
H11 GOL E . 2.27 5.75 -18.50
H12 GOL E . 3.30 4.62 -18.23
HO1 GOL E . 1.96 3.18 -18.91
H2 GOL E . 3.67 5.32 -20.41
HO2 GOL E . 2.28 3.22 -20.70
H31 GOL E . 1.19 6.00 -20.28
H32 GOL E . 1.15 4.83 -21.28
HO3 GOL E . 1.94 6.81 -22.21
C1 GOL F . -0.24 -17.96 -11.93
O1 GOL F . -0.08 -18.40 -13.26
C2 GOL F . -1.71 -17.52 -11.85
O2 GOL F . -2.51 -18.55 -11.33
C3 GOL F . -1.77 -16.26 -10.96
O3 GOL F . -2.39 -16.63 -9.76
H11 GOL F . 0.34 -17.21 -11.71
H12 GOL F . -0.06 -18.65 -11.27
HO1 GOL F . 0.46 -19.07 -13.23
H2 GOL F . -2.04 -17.30 -12.73
HO2 GOL F . -2.34 -18.63 -10.50
H31 GOL F . -2.25 -15.57 -11.43
H32 GOL F . -0.87 -15.93 -10.84
HO3 GOL F . -3.16 -16.90 -9.96
#